data_4H4C
#
_entry.id   4H4C
#
_cell.length_a   70.360
_cell.length_b   80.370
_cell.length_c   111.070
_cell.angle_alpha   90.00
_cell.angle_beta   90.00
_cell.angle_gamma   90.00
#
_symmetry.space_group_name_H-M   'P 21 21 21'
#
loop_
_entity.id
_entity.type
_entity.pdbx_description
1 polymer '4-hydroxy-3-methylbut-2-enyl diphosphate reductase'
2 non-polymer 'IRON/SULFUR CLUSTER'
3 non-polymer '(2E)-4-fluoro-3-methylbut-2-en-1-yl trihydrogen diphosphate'
4 water water
#
_entity_poly.entity_id   1
_entity_poly.type   'polypeptide(L)'
_entity_poly.pdbx_seq_one_letter_code
;HHHHHHGSMQILLANPRGFCAGVDRAISIVENALAIYGAPIYVRHEVVHNRYVVDSLRERGAIFIEQISEVPDGAILIFS
AHGVSQAVRNEAKSRDLTVFDATCPLVTKVHMEVARASRRGEESILIGHAGHPEVEGTMGQYSNPEGGMYLVESPDDVWK
LTVKNEEKLSFMTQTTLSVDDTSDVIDALRKRFPKIVGPRKDDICYATTNRQEAVRALAEQAEVVLVVGSKNSSNSNRLA
ELAQRMGKRAFLIDDAKDIQEEWVKEVKCVGVTAGASAPDILVQNVVARLQQLGGGEAIPLEGREENIVFEVPKELRVDI
REV
;
_entity_poly.pdbx_strand_id   A,B
#
loop_
_chem_comp.id
_chem_comp.type
_chem_comp.name
_chem_comp.formula
10D non-polymer '(2E)-4-fluoro-3-methylbut-2-en-1-yl trihydrogen diphosphate' 'C5 H11 F O7 P2'
SF4 non-polymer 'IRON/SULFUR CLUSTER' 'Fe4 S4'
#
# COMPACT_ATOMS: atom_id res chain seq x y z
N MET A 9 26.96 -25.96 -13.37
CA MET A 9 26.16 -24.76 -13.79
C MET A 9 25.65 -24.06 -12.52
N GLN A 10 25.77 -22.75 -12.48
CA GLN A 10 25.34 -22.07 -11.25
C GLN A 10 23.88 -21.69 -11.44
N ILE A 11 23.06 -21.82 -10.37
CA ILE A 11 21.64 -21.51 -10.47
C ILE A 11 21.43 -20.34 -9.53
N LEU A 12 20.85 -19.24 -10.06
CA LEU A 12 20.67 -18.06 -9.26
C LEU A 12 19.16 -17.85 -9.22
N LEU A 13 18.68 -17.37 -8.08
CA LEU A 13 17.25 -17.12 -7.99
C LEU A 13 17.05 -15.66 -7.75
N ALA A 14 16.11 -15.07 -8.45
CA ALA A 14 15.78 -13.64 -8.36
C ALA A 14 15.07 -13.37 -7.04
N ASN A 15 15.23 -12.16 -6.59
CA ASN A 15 14.60 -11.75 -5.38
C ASN A 15 14.24 -10.29 -5.34
N PRO A 16 12.94 -9.97 -5.18
CA PRO A 16 11.80 -10.87 -4.97
C PRO A 16 11.33 -11.62 -6.22
N ARG A 17 10.58 -12.73 -5.99
CA ARG A 17 10.07 -13.52 -7.08
C ARG A 17 8.75 -14.09 -6.51
N GLY A 18 7.88 -14.60 -7.40
CA GLY A 18 6.74 -15.37 -6.88
C GLY A 18 5.67 -14.50 -6.27
N PHE A 19 4.80 -15.14 -5.46
CA PHE A 19 3.52 -14.55 -4.93
C PHE A 19 3.67 -13.15 -4.35
N CYS A 20 2.77 -12.27 -4.74
CA CYS A 20 2.69 -11.01 -4.16
C CYS A 20 1.49 -11.10 -3.22
N ALA A 21 1.19 -9.98 -2.59
CA ALA A 21 0.16 -10.05 -1.54
C ALA A 21 -1.25 -10.18 -2.06
N GLY A 22 -1.49 -9.62 -3.26
CA GLY A 22 -2.86 -9.68 -3.84
C GLY A 22 -3.19 -11.13 -4.22
N VAL A 23 -2.21 -11.82 -4.80
CA VAL A 23 -2.35 -13.25 -5.22
C VAL A 23 -2.58 -14.10 -3.99
N ASP A 24 -1.80 -13.87 -2.95
CA ASP A 24 -1.86 -14.79 -1.83
C ASP A 24 -3.24 -14.60 -1.20
N ARG A 25 -3.66 -13.36 -1.04
CA ARG A 25 -5.01 -13.12 -0.64
C ARG A 25 -6.15 -13.77 -1.48
N ALA A 26 -6.13 -13.57 -2.82
CA ALA A 26 -7.15 -14.03 -3.77
C ALA A 26 -7.24 -15.58 -3.69
N ILE A 27 -6.10 -16.28 -3.56
CA ILE A 27 -6.16 -17.74 -3.46
C ILE A 27 -6.72 -18.11 -2.12
N SER A 28 -6.34 -17.38 -1.09
CA SER A 28 -6.86 -17.75 0.26
C SER A 28 -8.31 -17.54 0.35
N ILE A 29 -8.79 -16.53 -0.36
CA ILE A 29 -10.25 -16.28 -0.46
C ILE A 29 -11.01 -17.53 -1.01
N VAL A 30 -10.53 -18.08 -2.11
CA VAL A 30 -11.22 -19.25 -2.76
C VAL A 30 -11.06 -20.44 -1.84
N GLU A 31 -9.86 -20.65 -1.29
CA GLU A 31 -9.57 -21.84 -0.45
C GLU A 31 -10.46 -21.77 0.78
N ASN A 32 -10.58 -20.59 1.36
CA ASN A 32 -11.37 -20.46 2.57
C ASN A 32 -12.87 -20.59 2.29
N ALA A 33 -13.34 -20.01 1.17
CA ALA A 33 -14.73 -20.17 0.78
C ALA A 33 -15.08 -21.66 0.60
N LEU A 34 -14.21 -22.39 -0.09
CA LEU A 34 -14.32 -23.85 -0.21
C LEU A 34 -14.39 -24.50 1.15
N ALA A 35 -13.57 -24.05 2.11
CA ALA A 35 -13.57 -24.72 3.44
C ALA A 35 -14.82 -24.39 4.24
N ILE A 36 -15.40 -23.23 3.99
CA ILE A 36 -16.48 -22.74 4.85
C ILE A 36 -17.85 -23.28 4.32
N TYR A 37 -18.04 -23.16 3.02
CA TYR A 37 -19.25 -23.46 2.26
C TYR A 37 -19.26 -24.79 1.54
N GLY A 38 -18.09 -25.42 1.29
CA GLY A 38 -18.00 -26.63 0.44
C GLY A 38 -18.08 -26.30 -1.05
N ALA A 39 -17.72 -27.27 -1.91
CA ALA A 39 -17.90 -27.18 -3.38
C ALA A 39 -19.40 -27.15 -3.72
N PRO A 40 -19.76 -26.57 -4.87
CA PRO A 40 -18.93 -25.77 -5.75
C PRO A 40 -18.83 -24.29 -5.20
N ILE A 41 -17.70 -23.65 -5.52
CA ILE A 41 -17.54 -22.15 -5.36
C ILE A 41 -17.26 -21.65 -6.73
N TYR A 42 -18.08 -20.72 -7.27
CA TYR A 42 -17.78 -20.22 -8.60
C TYR A 42 -16.83 -19.04 -8.53
N VAL A 43 -15.93 -18.95 -9.49
CA VAL A 43 -14.97 -17.92 -9.57
C VAL A 43 -15.11 -17.33 -10.95
N ARG A 44 -15.23 -16.01 -10.98
CA ARG A 44 -15.32 -15.35 -12.32
C ARG A 44 -13.94 -15.03 -12.78
N HIS A 45 -13.50 -15.83 -13.77
CA HIS A 45 -12.22 -15.82 -14.43
C HIS A 45 -11.27 -16.59 -13.56
N GLU A 46 -10.19 -17.11 -14.15
CA GLU A 46 -9.12 -17.70 -13.30
C GLU A 46 -8.79 -16.78 -12.14
N VAL A 47 -8.74 -17.31 -10.92
CA VAL A 47 -8.65 -16.44 -9.75
C VAL A 47 -7.33 -15.61 -9.84
N VAL A 48 -6.27 -16.26 -10.31
CA VAL A 48 -4.97 -15.59 -10.68
C VAL A 48 -4.59 -16.36 -11.95
N HIS A 49 -3.62 -15.85 -12.72
CA HIS A 49 -3.30 -16.52 -13.99
C HIS A 49 -2.15 -17.49 -13.82
N ASN A 50 -2.46 -18.60 -13.18
CA ASN A 50 -1.56 -19.66 -13.02
C ASN A 50 -2.31 -21.01 -13.14
N ARG A 51 -1.87 -21.77 -14.11
CA ARG A 51 -2.47 -23.08 -14.43
C ARG A 51 -2.40 -24.01 -13.22
N TYR A 52 -1.24 -24.14 -12.58
CA TYR A 52 -1.16 -24.99 -11.37
C TYR A 52 -2.17 -24.56 -10.23
N VAL A 53 -2.30 -23.26 -10.03
CA VAL A 53 -3.21 -22.80 -9.01
C VAL A 53 -4.67 -23.07 -9.40
N VAL A 54 -4.97 -22.78 -10.66
CA VAL A 54 -6.36 -22.92 -11.20
C VAL A 54 -6.74 -24.43 -11.21
N ASP A 55 -5.87 -25.29 -11.75
CA ASP A 55 -6.17 -26.74 -11.82
C ASP A 55 -6.36 -27.30 -10.45
N SER A 56 -5.57 -26.86 -9.46
CA SER A 56 -5.72 -27.33 -8.04
C SER A 56 -7.08 -27.00 -7.49
N LEU A 57 -7.38 -25.72 -7.65
CA LEU A 57 -8.62 -25.23 -7.08
C LEU A 57 -9.81 -25.94 -7.76
N ARG A 58 -9.76 -26.22 -9.09
CA ARG A 58 -10.81 -26.87 -9.85
C ARG A 58 -10.99 -28.27 -9.23
N GLU A 59 -9.88 -28.94 -8.95
CA GLU A 59 -9.88 -30.31 -8.42
C GLU A 59 -10.48 -30.30 -7.02
N ARG A 60 -10.46 -29.14 -6.34
CA ARG A 60 -11.09 -29.02 -5.03
C ARG A 60 -12.47 -28.49 -5.09
N GLY A 61 -12.99 -28.17 -6.27
CA GLY A 61 -14.44 -27.80 -6.35
C GLY A 61 -14.74 -26.35 -6.73
N ALA A 62 -13.70 -25.59 -7.10
CA ALA A 62 -13.93 -24.35 -7.71
C ALA A 62 -14.32 -24.54 -9.20
N ILE A 63 -15.31 -23.75 -9.65
CA ILE A 63 -15.68 -23.68 -11.03
C ILE A 63 -15.43 -22.29 -11.58
N PHE A 64 -14.62 -22.20 -12.65
CA PHE A 64 -14.13 -20.89 -13.13
C PHE A 64 -15.01 -20.57 -14.36
N ILE A 65 -15.71 -19.45 -14.34
CA ILE A 65 -16.57 -19.02 -15.44
C ILE A 65 -16.19 -17.68 -15.98
N GLU A 66 -16.69 -17.30 -17.15
CA GLU A 66 -16.32 -15.94 -17.61
C GLU A 66 -17.44 -14.96 -17.41
N GLN A 67 -18.69 -15.47 -17.49
CA GLN A 67 -19.91 -14.67 -17.41
C GLN A 67 -20.84 -15.08 -16.24
N ILE A 68 -21.54 -14.12 -15.69
CA ILE A 68 -22.34 -14.37 -14.46
C ILE A 68 -23.57 -15.26 -14.86
N SER A 69 -23.94 -15.24 -16.15
CA SER A 69 -24.98 -16.13 -16.68
C SER A 69 -24.61 -17.61 -16.67
N GLU A 70 -23.30 -17.96 -16.54
CA GLU A 70 -22.85 -19.35 -16.18
C GLU A 70 -22.96 -19.75 -14.74
N VAL A 71 -23.51 -18.88 -13.87
CA VAL A 71 -23.52 -19.17 -12.43
C VAL A 71 -24.96 -19.36 -12.04
N PRO A 72 -25.27 -20.44 -11.31
CA PRO A 72 -26.65 -20.72 -10.93
C PRO A 72 -27.13 -19.78 -9.80
N ASP A 73 -28.46 -19.57 -9.69
CA ASP A 73 -29.03 -18.89 -8.49
C ASP A 73 -28.53 -19.54 -7.18
N GLY A 74 -28.30 -18.74 -6.14
CA GLY A 74 -28.04 -19.16 -4.77
C GLY A 74 -26.54 -19.42 -4.56
N ALA A 75 -25.75 -19.30 -5.62
CA ALA A 75 -24.34 -19.79 -5.60
C ALA A 75 -23.52 -18.68 -4.93
N ILE A 76 -22.31 -19.06 -4.48
CA ILE A 76 -21.26 -18.18 -3.95
C ILE A 76 -20.37 -17.94 -5.13
N LEU A 77 -20.04 -16.65 -5.34
CA LEU A 77 -19.28 -16.31 -6.48
C LEU A 77 -18.16 -15.45 -6.01
N ILE A 78 -16.95 -15.72 -6.53
CA ILE A 78 -15.79 -14.92 -6.14
C ILE A 78 -15.34 -14.16 -7.38
N PHE A 79 -15.09 -12.82 -7.31
CA PHE A 79 -14.45 -12.14 -8.47
C PHE A 79 -12.98 -12.38 -8.37
N SER A 80 -12.30 -12.51 -9.54
CA SER A 80 -10.84 -12.84 -9.55
C SER A 80 -9.98 -11.64 -9.17
N ALA A 81 -8.73 -11.88 -8.92
CA ALA A 81 -7.79 -10.85 -8.42
C ALA A 81 -7.69 -9.66 -9.38
N HIS A 82 -8.01 -9.93 -10.65
CA HIS A 82 -7.90 -8.94 -11.70
C HIS A 82 -8.99 -7.89 -11.68
N GLY A 83 -10.10 -8.14 -11.00
CA GLY A 83 -11.15 -7.12 -10.89
C GLY A 83 -12.21 -7.34 -11.95
N VAL A 84 -13.33 -6.66 -11.75
CA VAL A 84 -14.42 -6.71 -12.71
C VAL A 84 -15.06 -5.37 -12.90
N SER A 85 -15.73 -5.27 -14.07
CA SER A 85 -16.37 -4.01 -14.51
C SER A 85 -17.56 -3.78 -13.56
N GLN A 86 -17.97 -2.51 -13.42
CA GLN A 86 -19.29 -2.22 -12.83
C GLN A 86 -20.42 -3.07 -13.43
N ALA A 87 -20.42 -3.32 -14.74
CA ALA A 87 -21.52 -4.06 -15.41
C ALA A 87 -21.60 -5.47 -14.86
N VAL A 88 -20.42 -6.11 -14.78
CA VAL A 88 -20.33 -7.46 -14.15
C VAL A 88 -20.79 -7.37 -12.71
N ARG A 89 -20.35 -6.36 -11.99
CA ARG A 89 -20.63 -6.37 -10.54
C ARG A 89 -22.15 -6.14 -10.36
N ASN A 90 -22.72 -5.33 -11.22
CA ASN A 90 -24.14 -5.06 -11.10
C ASN A 90 -24.96 -6.26 -11.51
N GLU A 91 -24.52 -7.01 -12.53
CA GLU A 91 -25.19 -8.21 -12.95
C GLU A 91 -25.15 -9.23 -11.81
N ALA A 92 -24.00 -9.40 -11.15
CA ALA A 92 -23.94 -10.25 -9.93
C ALA A 92 -24.89 -9.73 -8.86
N LYS A 93 -24.87 -8.43 -8.59
CA LYS A 93 -25.76 -7.83 -7.58
C LYS A 93 -27.25 -8.07 -7.91
N SER A 94 -27.60 -7.94 -9.18
CA SER A 94 -29.03 -8.04 -9.56
C SER A 94 -29.43 -9.52 -9.57
N ARG A 95 -28.48 -10.42 -9.41
CA ARG A 95 -28.80 -11.86 -9.24
C ARG A 95 -28.80 -12.36 -7.77
N ASP A 96 -29.21 -13.61 -7.60
CA ASP A 96 -29.27 -14.30 -6.28
C ASP A 96 -27.94 -14.38 -5.43
N LEU A 97 -26.82 -13.91 -5.95
CA LEU A 97 -25.50 -14.44 -5.52
C LEU A 97 -24.92 -13.92 -4.21
N THR A 98 -24.27 -14.77 -3.45
CA THR A 98 -23.40 -14.33 -2.37
C THR A 98 -22.08 -14.04 -3.09
N VAL A 99 -21.62 -12.78 -3.05
CA VAL A 99 -20.36 -12.41 -3.74
C VAL A 99 -19.25 -12.13 -2.71
N PHE A 100 -18.06 -12.68 -2.96
CA PHE A 100 -16.84 -12.21 -2.30
C PHE A 100 -15.98 -11.65 -3.42
N ASP A 101 -15.22 -10.60 -3.10
CA ASP A 101 -14.43 -9.95 -4.11
C ASP A 101 -12.90 -10.18 -3.82
N ALA A 102 -12.27 -11.00 -4.63
CA ALA A 102 -10.81 -11.18 -4.51
C ALA A 102 -10.01 -10.16 -5.30
N THR A 103 -10.66 -9.10 -5.85
CA THR A 103 -9.82 -8.10 -6.60
C THR A 103 -8.70 -7.61 -5.67
N CYS A 104 -7.54 -7.56 -6.26
CA CYS A 104 -6.38 -7.02 -5.50
C CYS A 104 -6.62 -5.60 -5.07
N PRO A 105 -6.37 -5.27 -3.80
CA PRO A 105 -6.51 -3.91 -3.31
C PRO A 105 -5.87 -2.82 -4.25
N LEU A 106 -4.80 -3.14 -4.97
CA LEU A 106 -4.03 -2.19 -5.74
C LEU A 106 -4.66 -1.98 -7.13
N VAL A 107 -5.45 -2.97 -7.55
CA VAL A 107 -6.39 -2.77 -8.73
C VAL A 107 -7.58 -1.98 -8.29
N THR A 108 -8.14 -2.34 -7.12
CA THR A 108 -9.33 -1.57 -6.62
C THR A 108 -8.96 -0.06 -6.50
N LYS A 109 -7.73 0.25 -6.09
CA LYS A 109 -7.24 1.66 -6.01
C LYS A 109 -7.46 2.38 -7.39
N VAL A 110 -7.07 1.70 -8.47
CA VAL A 110 -7.14 2.36 -9.76
C VAL A 110 -8.62 2.52 -10.11
N HIS A 111 -9.43 1.50 -9.81
CA HIS A 111 -10.88 1.48 -10.17
C HIS A 111 -11.52 2.72 -9.53
N MET A 112 -11.14 3.00 -8.28
CA MET A 112 -11.72 4.16 -7.61
C MET A 112 -11.40 5.47 -8.28
N GLU A 113 -10.24 5.59 -8.89
CA GLU A 113 -9.99 6.84 -9.57
C GLU A 113 -10.76 6.96 -10.87
N VAL A 114 -10.92 5.83 -11.58
CA VAL A 114 -11.60 5.89 -12.84
C VAL A 114 -13.06 6.25 -12.50
N ALA A 115 -13.59 5.73 -11.41
CA ALA A 115 -15.00 6.02 -10.95
C ALA A 115 -15.13 7.50 -10.61
N ARG A 116 -14.11 8.03 -9.94
CA ARG A 116 -14.08 9.45 -9.62
C ARG A 116 -14.11 10.32 -10.93
N ALA A 117 -13.31 9.98 -11.92
CA ALA A 117 -13.29 10.79 -13.14
C ALA A 117 -14.64 10.74 -13.90
N SER A 118 -15.31 9.59 -13.83
CA SER A 118 -16.55 9.32 -14.53
C SER A 118 -17.66 10.14 -13.90
N ARG A 119 -17.71 10.14 -12.57
CA ARG A 119 -18.67 11.01 -11.88
C ARG A 119 -18.44 12.45 -12.28
N ARG A 120 -17.20 12.83 -12.61
CA ARG A 120 -16.91 14.21 -13.00
C ARG A 120 -17.27 14.49 -14.45
N GLY A 121 -17.69 13.46 -15.20
CA GLY A 121 -17.63 13.40 -16.68
C GLY A 121 -16.37 13.97 -17.31
N GLU A 122 -15.22 13.89 -16.61
CA GLU A 122 -13.91 14.21 -17.17
C GLU A 122 -13.34 12.97 -17.88
N GLU A 123 -12.64 13.17 -18.99
CA GLU A 123 -12.11 12.03 -19.73
C GLU A 123 -10.90 11.43 -19.02
N SER A 124 -10.74 10.12 -19.24
CA SER A 124 -9.65 9.35 -18.64
C SER A 124 -9.04 8.48 -19.71
N ILE A 125 -7.71 8.23 -19.63
CA ILE A 125 -7.02 7.38 -20.54
C ILE A 125 -6.37 6.31 -19.66
N LEU A 126 -6.63 5.04 -19.97
CA LEU A 126 -5.92 3.93 -19.34
C LEU A 126 -4.79 3.48 -20.22
N ILE A 127 -3.63 3.25 -19.64
CA ILE A 127 -2.50 2.63 -20.30
C ILE A 127 -2.59 1.15 -19.92
N GLY A 128 -2.66 0.32 -20.95
CA GLY A 128 -2.77 -1.14 -20.69
C GLY A 128 -2.91 -1.92 -21.96
N HIS A 129 -3.12 -3.23 -21.79
CA HIS A 129 -3.18 -4.17 -22.94
C HIS A 129 -4.65 -4.61 -23.22
N ALA A 130 -5.18 -4.27 -24.40
CA ALA A 130 -6.53 -4.62 -24.80
C ALA A 130 -6.81 -6.12 -24.54
N GLY A 131 -7.99 -6.43 -24.05
CA GLY A 131 -8.47 -7.81 -23.90
C GLY A 131 -8.06 -8.43 -22.54
N HIS A 132 -7.10 -7.85 -21.83
CA HIS A 132 -6.76 -8.32 -20.44
C HIS A 132 -7.88 -8.12 -19.48
N PRO A 133 -8.20 -9.13 -18.60
CA PRO A 133 -9.32 -8.90 -17.75
C PRO A 133 -9.22 -7.62 -16.86
N GLU A 134 -8.01 -7.31 -16.36
CA GLU A 134 -7.85 -6.09 -15.54
C GLU A 134 -8.23 -4.86 -16.35
N VAL A 135 -7.78 -4.78 -17.61
CA VAL A 135 -8.15 -3.61 -18.42
C VAL A 135 -9.67 -3.58 -18.60
N GLU A 136 -10.29 -4.76 -18.83
CA GLU A 136 -11.78 -4.71 -18.94
C GLU A 136 -12.42 -4.22 -17.66
N GLY A 137 -11.97 -4.64 -16.48
CA GLY A 137 -12.59 -4.25 -15.25
C GLY A 137 -12.33 -2.77 -14.98
N THR A 138 -11.16 -2.28 -15.37
CA THR A 138 -10.85 -0.92 -15.08
C THR A 138 -11.54 0.02 -16.09
N MET A 139 -11.46 -0.27 -17.40
CA MET A 139 -12.21 0.56 -18.41
C MET A 139 -13.70 0.47 -17.99
N GLY A 140 -14.07 -0.67 -17.42
CA GLY A 140 -15.48 -0.88 -16.96
C GLY A 140 -15.91 -0.10 -15.75
N GLN A 141 -15.04 0.74 -15.15
CA GLN A 141 -15.50 1.57 -14.03
C GLN A 141 -15.93 2.91 -14.57
N TYR A 142 -15.85 3.14 -15.87
CA TYR A 142 -16.24 4.49 -16.39
C TYR A 142 -17.57 4.33 -17.08
N SER A 143 -18.56 5.17 -16.77
CA SER A 143 -19.91 5.00 -17.36
C SER A 143 -20.50 6.30 -17.94
N ASN A 144 -20.09 7.42 -17.40
CA ASN A 144 -20.56 8.72 -17.90
C ASN A 144 -20.35 8.95 -19.41
N PRO A 145 -21.45 8.94 -20.20
CA PRO A 145 -21.41 9.26 -21.64
C PRO A 145 -20.92 10.70 -21.89
N GLU A 146 -21.05 11.58 -20.90
CA GLU A 146 -20.64 12.99 -21.09
C GLU A 146 -19.11 13.10 -21.22
N GLY A 147 -18.35 12.19 -20.55
CA GLY A 147 -16.90 12.17 -20.78
C GLY A 147 -16.39 11.13 -21.75
N GLY A 148 -15.47 10.28 -21.27
CA GLY A 148 -14.96 9.22 -22.16
C GLY A 148 -13.79 8.51 -21.43
N MET A 149 -13.45 7.34 -21.95
CA MET A 149 -12.51 6.42 -21.29
C MET A 149 -11.85 5.84 -22.48
N TYR A 150 -10.54 6.02 -22.59
CA TYR A 150 -9.88 5.61 -23.79
C TYR A 150 -8.77 4.65 -23.39
N LEU A 151 -8.39 3.72 -24.26
CA LEU A 151 -7.27 2.82 -23.92
C LEU A 151 -6.09 3.11 -24.81
N VAL A 152 -4.85 3.24 -24.28
CA VAL A 152 -3.69 3.27 -25.13
C VAL A 152 -2.69 2.24 -24.67
N GLU A 153 -1.95 1.69 -25.62
CA GLU A 153 -0.96 0.70 -25.29
C GLU A 153 0.42 1.20 -25.58
N SER A 154 0.60 2.22 -26.39
CA SER A 154 1.98 2.51 -26.84
C SER A 154 2.05 4.06 -27.16
N PRO A 155 3.29 4.61 -27.36
CA PRO A 155 3.35 6.01 -27.80
C PRO A 155 2.49 6.24 -29.08
N ASP A 156 2.53 5.28 -30.01
CA ASP A 156 1.76 5.47 -31.30
C ASP A 156 0.30 5.59 -31.06
N ASP A 157 -0.23 4.85 -30.08
CA ASP A 157 -1.65 5.03 -29.73
C ASP A 157 -1.89 6.45 -29.22
N VAL A 158 -0.96 6.99 -28.39
CA VAL A 158 -1.13 8.34 -27.82
C VAL A 158 -1.20 9.34 -29.02
N TRP A 159 -0.30 9.13 -29.98
CA TRP A 159 -0.11 9.96 -31.20
C TRP A 159 -1.37 9.93 -32.09
N LYS A 160 -2.23 8.91 -31.96
CA LYS A 160 -3.50 9.02 -32.70
C LYS A 160 -4.75 9.40 -31.93
N LEU A 161 -4.66 9.55 -30.61
CA LEU A 161 -5.88 9.75 -29.84
C LEU A 161 -6.33 11.18 -29.94
N THR A 162 -7.63 11.38 -30.07
CA THR A 162 -8.20 12.71 -29.89
C THR A 162 -9.23 12.59 -28.79
N VAL A 163 -9.36 13.65 -28.01
CA VAL A 163 -10.29 13.62 -26.92
C VAL A 163 -11.13 14.85 -27.01
N LYS A 164 -12.25 14.80 -26.33
CA LYS A 164 -13.13 15.93 -26.26
C LYS A 164 -12.59 17.19 -25.58
N ASN A 165 -12.01 17.05 -24.40
CA ASN A 165 -11.60 18.18 -23.64
C ASN A 165 -10.29 17.90 -22.96
N GLU A 166 -9.23 18.20 -23.71
CA GLU A 166 -7.86 17.96 -23.25
C GLU A 166 -7.44 18.79 -21.99
N GLU A 167 -8.31 19.73 -21.55
CA GLU A 167 -8.04 20.56 -20.38
C GLU A 167 -8.42 19.79 -19.14
N LYS A 168 -9.32 18.82 -19.27
CA LYS A 168 -9.83 18.01 -18.17
C LYS A 168 -9.58 16.51 -18.48
N LEU A 169 -8.34 16.11 -18.27
CA LEU A 169 -7.88 14.79 -18.71
C LEU A 169 -7.08 14.11 -17.62
N SER A 170 -7.23 12.81 -17.44
CA SER A 170 -6.39 12.13 -16.47
C SER A 170 -6.05 10.75 -16.99
N PHE A 171 -4.99 10.16 -16.47
CA PHE A 171 -4.65 8.83 -16.87
C PHE A 171 -4.46 7.89 -15.68
N MET A 172 -4.41 6.57 -15.97
CA MET A 172 -4.27 5.52 -14.95
C MET A 172 -3.52 4.45 -15.73
N THR A 173 -3.05 3.43 -15.00
CA THR A 173 -2.40 2.37 -15.73
C THR A 173 -2.80 1.03 -15.20
N GLN A 174 -2.49 -0.01 -16.01
CA GLN A 174 -2.67 -1.36 -15.57
C GLN A 174 -1.53 -1.63 -14.59
N THR A 175 -1.74 -2.58 -13.69
CA THR A 175 -0.90 -2.73 -12.46
C THR A 175 0.35 -3.52 -12.81
N THR A 176 0.33 -4.23 -13.95
CA THR A 176 1.36 -5.22 -14.29
C THR A 176 2.23 -4.95 -15.50
N LEU A 177 2.26 -3.71 -15.90
CA LEU A 177 2.96 -3.32 -17.14
C LEU A 177 4.48 -3.25 -16.96
N SER A 178 5.19 -3.32 -18.07
CA SER A 178 6.61 -2.90 -18.10
C SER A 178 6.77 -1.50 -17.55
N VAL A 179 7.60 -1.34 -16.52
CA VAL A 179 7.80 0.00 -15.92
C VAL A 179 8.43 0.94 -17.00
N ASP A 180 9.39 0.42 -17.73
CA ASP A 180 10.04 1.21 -18.74
C ASP A 180 9.08 1.56 -19.91
N ASP A 181 8.37 0.59 -20.50
CA ASP A 181 7.48 0.95 -21.66
C ASP A 181 6.40 1.94 -21.20
N THR A 182 6.00 1.82 -19.96
CA THR A 182 4.91 2.65 -19.48
C THR A 182 5.40 4.09 -19.34
N SER A 183 6.66 4.20 -18.95
CA SER A 183 7.27 5.49 -18.77
C SER A 183 7.29 6.20 -20.11
N ASP A 184 7.68 5.48 -21.18
CA ASP A 184 7.55 6.02 -22.58
C ASP A 184 6.15 6.49 -22.96
N VAL A 185 5.11 5.76 -22.51
CA VAL A 185 3.76 6.10 -22.96
C VAL A 185 3.37 7.38 -22.19
N ILE A 186 3.76 7.43 -20.93
CA ILE A 186 3.41 8.57 -20.14
C ILE A 186 4.10 9.84 -20.70
N ASP A 187 5.35 9.71 -21.11
CA ASP A 187 6.12 10.90 -21.63
C ASP A 187 5.38 11.39 -22.90
N ALA A 188 4.85 10.47 -23.69
CA ALA A 188 4.08 10.78 -24.88
C ALA A 188 2.78 11.45 -24.49
N LEU A 189 2.06 10.89 -23.50
CA LEU A 189 0.77 11.56 -23.04
C LEU A 189 1.00 13.03 -22.59
N ARG A 190 2.07 13.27 -21.83
CA ARG A 190 2.37 14.63 -21.33
C ARG A 190 2.82 15.53 -22.43
N LYS A 191 3.50 15.02 -23.45
CA LYS A 191 3.86 15.88 -24.64
C LYS A 191 2.61 16.26 -25.45
N ARG A 192 1.73 15.27 -25.65
CA ARG A 192 0.49 15.44 -26.45
C ARG A 192 -0.52 16.25 -25.62
N PHE A 193 -0.57 15.99 -24.33
CA PHE A 193 -1.68 16.55 -23.50
C PHE A 193 -1.10 17.21 -22.26
N PRO A 194 -0.57 18.44 -22.41
CA PRO A 194 0.28 18.92 -21.33
C PRO A 194 -0.48 19.09 -20.01
N LYS A 195 -1.81 19.24 -20.01
CA LYS A 195 -2.57 19.45 -18.79
C LYS A 195 -3.05 18.14 -18.17
N ILE A 196 -2.57 17.00 -18.67
CA ILE A 196 -3.05 15.65 -18.17
C ILE A 196 -2.56 15.47 -16.73
N VAL A 197 -3.43 14.91 -15.91
CA VAL A 197 -3.26 14.66 -14.47
C VAL A 197 -3.09 13.12 -14.28
N GLY A 198 -2.15 12.71 -13.46
CA GLY A 198 -1.98 11.27 -13.20
C GLY A 198 -1.39 11.12 -11.82
N PRO A 199 -1.01 9.89 -11.50
CA PRO A 199 -0.32 9.55 -10.25
C PRO A 199 1.09 10.21 -10.36
N ARG A 200 1.94 10.10 -9.36
CA ARG A 200 3.31 10.64 -9.56
C ARG A 200 4.09 9.99 -10.71
N LYS A 201 3.92 8.68 -10.85
CA LYS A 201 4.66 7.96 -11.87
C LYS A 201 3.60 7.08 -12.60
N ASP A 202 3.11 6.01 -11.97
CA ASP A 202 2.08 5.22 -12.67
C ASP A 202 1.34 4.39 -11.63
N ASP A 203 0.49 3.49 -12.08
CA ASP A 203 -0.29 2.61 -11.17
C ASP A 203 0.28 1.21 -11.17
N ILE A 204 1.51 1.08 -11.67
CA ILE A 204 2.20 -0.21 -11.56
C ILE A 204 2.40 -0.55 -10.08
N CYS A 205 2.15 -1.81 -9.72
CA CYS A 205 2.15 -2.14 -8.29
C CYS A 205 3.56 -2.43 -7.85
N TYR A 206 3.71 -2.41 -6.54
CA TYR A 206 5.06 -2.59 -5.92
C TYR A 206 5.64 -3.96 -6.39
N ALA A 207 4.80 -4.98 -6.43
CA ALA A 207 5.35 -6.35 -6.69
C ALA A 207 5.84 -6.42 -8.17
N THR A 208 5.11 -5.74 -9.06
CA THR A 208 5.54 -5.70 -10.49
C THR A 208 6.84 -4.97 -10.64
N THR A 209 6.92 -3.79 -10.09
CA THR A 209 8.14 -3.05 -10.12
C THR A 209 9.33 -3.83 -9.50
N ASN A 210 9.08 -4.46 -8.37
CA ASN A 210 10.17 -5.14 -7.66
C ASN A 210 10.55 -6.39 -8.46
N ARG A 211 9.60 -7.11 -9.05
CA ARG A 211 10.08 -8.30 -9.79
C ARG A 211 10.83 -7.96 -11.07
N GLN A 212 10.45 -6.86 -11.71
CA GLN A 212 11.20 -6.35 -12.84
C GLN A 212 12.60 -5.92 -12.45
N GLU A 213 12.67 -5.17 -11.36
CA GLU A 213 14.01 -4.72 -10.84
C GLU A 213 14.84 -5.98 -10.53
N ALA A 214 14.23 -6.95 -9.89
CA ALA A 214 14.96 -8.22 -9.57
C ALA A 214 15.35 -9.05 -10.81
N VAL A 215 14.48 -9.13 -11.83
CA VAL A 215 14.84 -9.88 -13.04
C VAL A 215 15.97 -9.14 -13.79
N ARG A 216 16.01 -7.80 -13.72
CA ARG A 216 17.10 -7.03 -14.36
C ARG A 216 18.42 -7.46 -13.71
N ALA A 217 18.42 -7.60 -12.39
CA ALA A 217 19.71 -7.89 -11.71
C ALA A 217 20.08 -9.32 -11.99
N LEU A 218 19.07 -10.18 -12.06
CA LEU A 218 19.32 -11.59 -12.40
C LEU A 218 19.95 -11.74 -13.80
N ALA A 219 19.38 -11.03 -14.78
CA ALA A 219 19.79 -11.11 -16.17
C ALA A 219 21.19 -10.55 -16.35
N GLU A 220 21.60 -9.74 -15.39
CA GLU A 220 22.92 -9.17 -15.47
C GLU A 220 23.92 -10.27 -15.20
N GLN A 221 23.53 -11.28 -14.45
CA GLN A 221 24.46 -12.38 -14.14
C GLN A 221 24.27 -13.65 -14.93
N ALA A 222 23.03 -13.92 -15.33
CA ALA A 222 22.67 -15.21 -15.88
C ALA A 222 22.66 -15.11 -17.39
N GLU A 223 23.05 -16.20 -18.03
CA GLU A 223 23.03 -16.30 -19.50
C GLU A 223 21.62 -16.60 -19.96
N VAL A 224 20.90 -17.38 -19.16
CA VAL A 224 19.55 -17.81 -19.52
C VAL A 224 18.68 -17.56 -18.32
N VAL A 225 17.45 -17.08 -18.54
CA VAL A 225 16.49 -16.82 -17.39
C VAL A 225 15.25 -17.68 -17.64
N LEU A 226 14.79 -18.41 -16.62
CA LEU A 226 13.55 -19.11 -16.70
C LEU A 226 12.58 -18.35 -15.87
N VAL A 227 11.42 -18.02 -16.43
CA VAL A 227 10.39 -17.28 -15.62
C VAL A 227 9.25 -18.27 -15.45
N VAL A 228 8.97 -18.68 -14.19
CA VAL A 228 7.88 -19.60 -13.87
C VAL A 228 6.66 -18.77 -13.88
N GLY A 229 5.79 -19.11 -14.81
CA GLY A 229 4.53 -18.38 -14.93
C GLY A 229 3.77 -18.85 -16.15
N SER A 230 2.43 -18.68 -16.16
CA SER A 230 1.53 -19.16 -17.25
C SER A 230 1.49 -18.14 -18.40
N LYS A 231 1.04 -18.61 -19.57
CA LYS A 231 1.18 -17.80 -20.83
C LYS A 231 0.27 -16.63 -20.78
N ASN A 232 -0.76 -16.72 -19.95
CA ASN A 232 -1.69 -15.62 -19.87
C ASN A 232 -1.41 -14.69 -18.68
N SER A 233 -0.32 -14.87 -17.96
CA SER A 233 0.03 -13.90 -16.91
C SER A 233 0.81 -12.71 -17.47
N SER A 234 0.15 -11.56 -17.47
CA SER A 234 0.72 -10.34 -17.94
C SER A 234 2.06 -10.08 -17.24
N ASN A 235 2.07 -10.07 -15.90
CA ASN A 235 3.26 -9.67 -15.19
C ASN A 235 4.37 -10.69 -15.50
N SER A 236 3.98 -11.97 -15.64
CA SER A 236 5.06 -12.94 -15.86
C SER A 236 5.65 -12.71 -17.23
N ASN A 237 4.81 -12.37 -18.21
CA ASN A 237 5.35 -12.10 -19.55
C ASN A 237 6.32 -10.93 -19.51
N ARG A 238 6.01 -9.91 -18.68
CA ARG A 238 6.96 -8.72 -18.66
C ARG A 238 8.35 -9.12 -18.16
N LEU A 239 8.46 -10.12 -17.26
CA LEU A 239 9.78 -10.51 -16.66
C LEU A 239 10.59 -11.17 -17.75
N ALA A 240 9.91 -12.06 -18.48
CA ALA A 240 10.66 -12.74 -19.62
C ALA A 240 11.13 -11.72 -20.64
N GLU A 241 10.19 -10.85 -20.99
CA GLU A 241 10.52 -9.78 -22.05
C GLU A 241 11.66 -8.93 -21.59
N LEU A 242 11.66 -8.53 -20.32
CA LEU A 242 12.76 -7.75 -19.82
C LEU A 242 14.10 -8.42 -19.97
N ALA A 243 14.20 -9.69 -19.59
CA ALA A 243 15.47 -10.46 -19.79
C ALA A 243 15.82 -10.57 -21.27
N GLN A 244 14.83 -10.88 -22.13
CA GLN A 244 15.07 -10.98 -23.58
C GLN A 244 15.65 -9.68 -24.14
N ARG A 245 15.12 -8.55 -23.69
CA ARG A 245 15.61 -7.24 -24.05
C ARG A 245 17.08 -6.98 -23.63
N MET A 246 17.52 -7.62 -22.57
CA MET A 246 18.88 -7.51 -22.12
C MET A 246 19.78 -8.46 -22.89
N GLY A 247 19.21 -9.22 -23.86
CA GLY A 247 20.05 -10.13 -24.70
C GLY A 247 20.16 -11.53 -24.17
N LYS A 248 19.36 -11.86 -23.17
CA LYS A 248 19.40 -13.20 -22.57
C LYS A 248 18.26 -14.04 -23.17
N ARG A 249 18.55 -15.29 -23.56
CA ARG A 249 17.49 -16.25 -23.87
C ARG A 249 16.65 -16.33 -22.58
N ALA A 250 15.33 -16.15 -22.70
CA ALA A 250 14.45 -16.25 -21.53
C ALA A 250 13.22 -17.00 -21.94
N PHE A 251 12.78 -17.94 -21.10
CA PHE A 251 11.61 -18.68 -21.37
C PHE A 251 10.56 -18.53 -20.29
N LEU A 252 9.30 -18.45 -20.69
CA LEU A 252 8.21 -18.47 -19.72
C LEU A 252 7.65 -19.92 -19.64
N ILE A 253 7.62 -20.53 -18.44
CA ILE A 253 7.36 -21.98 -18.35
C ILE A 253 6.44 -22.18 -17.16
N ASP A 254 5.51 -23.13 -17.27
CA ASP A 254 4.61 -23.43 -16.19
C ASP A 254 5.23 -24.28 -15.12
N ASP A 255 6.07 -25.20 -15.56
CA ASP A 255 6.63 -26.15 -14.62
C ASP A 255 7.90 -26.75 -15.16
N ALA A 256 8.52 -27.54 -14.31
CA ALA A 256 9.84 -28.09 -14.62
C ALA A 256 9.84 -28.96 -15.91
N LYS A 257 8.71 -29.60 -16.24
CA LYS A 257 8.48 -30.40 -17.46
C LYS A 257 8.79 -29.63 -18.71
N ASP A 258 8.68 -28.29 -18.67
CA ASP A 258 8.70 -27.49 -19.87
C ASP A 258 10.13 -27.22 -20.22
N ILE A 259 11.06 -27.53 -19.31
CA ILE A 259 12.47 -27.13 -19.50
C ILE A 259 13.04 -28.04 -20.60
N GLN A 260 13.51 -27.44 -21.70
CA GLN A 260 14.20 -28.24 -22.76
C GLN A 260 15.69 -28.27 -22.45
N GLU A 261 16.37 -29.43 -22.50
CA GLU A 261 17.76 -29.36 -22.06
C GLU A 261 18.70 -28.51 -22.94
N GLU A 262 18.34 -28.30 -24.21
CA GLU A 262 19.14 -27.43 -25.10
C GLU A 262 19.29 -26.01 -24.53
N TRP A 263 18.25 -25.56 -23.80
CA TRP A 263 18.23 -24.22 -23.28
C TRP A 263 19.31 -24.00 -22.33
N VAL A 264 19.71 -25.05 -21.62
CA VAL A 264 20.77 -24.92 -20.62
C VAL A 264 22.05 -25.73 -20.92
N LYS A 265 22.11 -26.48 -22.00
CA LYS A 265 23.43 -27.08 -22.40
C LYS A 265 24.68 -26.13 -22.39
N GLU A 266 25.72 -26.47 -21.61
CA GLU A 266 26.98 -25.69 -21.63
C GLU A 266 26.71 -24.21 -21.26
N VAL A 267 25.59 -23.95 -20.59
CA VAL A 267 25.35 -22.67 -19.91
C VAL A 267 25.99 -22.73 -18.54
N LYS A 268 26.72 -21.68 -18.16
CA LYS A 268 27.36 -21.72 -16.89
C LYS A 268 26.55 -21.07 -15.76
N CYS A 269 25.60 -20.19 -16.09
CA CYS A 269 24.81 -19.54 -15.05
C CYS A 269 23.43 -19.38 -15.61
N VAL A 270 22.42 -20.02 -14.98
CA VAL A 270 20.98 -19.97 -15.38
C VAL A 270 20.26 -19.28 -14.23
N GLY A 271 19.38 -18.36 -14.55
CA GLY A 271 18.66 -17.65 -13.45
C GLY A 271 17.20 -18.11 -13.51
N VAL A 272 16.54 -18.11 -12.35
CA VAL A 272 15.14 -18.51 -12.28
C VAL A 272 14.38 -17.43 -11.57
N THR A 273 13.21 -17.02 -12.08
CA THR A 273 12.38 -16.11 -11.26
C THR A 273 10.95 -16.64 -11.42
N ALA A 274 9.94 -16.00 -10.86
CA ALA A 274 8.62 -16.54 -11.03
C ALA A 274 7.83 -15.23 -11.01
N GLY A 275 6.72 -15.24 -11.77
CA GLY A 275 5.72 -14.17 -11.76
C GLY A 275 4.95 -14.16 -10.43
N ALA A 276 4.10 -13.14 -10.26
CA ALA A 276 3.43 -12.84 -8.99
C ALA A 276 2.30 -13.87 -8.69
N SER A 277 1.98 -14.71 -9.70
CA SER A 277 0.83 -15.67 -9.52
C SER A 277 1.41 -17.15 -9.43
N ALA A 278 2.74 -17.31 -9.51
CA ALA A 278 3.33 -18.67 -9.52
C ALA A 278 3.73 -19.18 -8.12
N PRO A 279 3.23 -20.35 -7.69
CA PRO A 279 3.63 -20.88 -6.33
C PRO A 279 5.07 -21.32 -6.23
N ASP A 280 5.59 -21.13 -5.03
CA ASP A 280 6.96 -21.44 -4.81
C ASP A 280 7.30 -22.91 -5.09
N ILE A 281 6.36 -23.81 -4.85
CA ILE A 281 6.62 -25.22 -5.18
C ILE A 281 7.04 -25.41 -6.65
N LEU A 282 6.49 -24.56 -7.57
CA LEU A 282 6.90 -24.68 -8.97
C LEU A 282 8.34 -24.31 -9.15
N VAL A 283 8.80 -23.30 -8.40
CA VAL A 283 10.20 -22.85 -8.48
C VAL A 283 11.09 -24.00 -7.94
N GLN A 284 10.66 -24.61 -6.84
CA GLN A 284 11.50 -25.68 -6.20
C GLN A 284 11.64 -26.87 -7.22
N ASN A 285 10.57 -27.18 -8.01
CA ASN A 285 10.60 -28.26 -9.01
C ASN A 285 11.47 -27.90 -10.15
N VAL A 286 11.44 -26.59 -10.48
CA VAL A 286 12.30 -26.13 -11.57
C VAL A 286 13.78 -26.23 -11.16
N VAL A 287 14.08 -25.85 -9.94
CA VAL A 287 15.47 -25.90 -9.40
C VAL A 287 15.86 -27.37 -9.38
N ALA A 288 14.95 -28.25 -8.92
CA ALA A 288 15.38 -29.69 -8.81
C ALA A 288 15.76 -30.23 -10.21
N ARG A 289 14.97 -29.82 -11.23
CA ARG A 289 15.21 -30.25 -12.61
C ARG A 289 16.51 -29.63 -13.13
N LEU A 290 16.77 -28.32 -12.95
CA LEU A 290 18.13 -27.81 -13.37
C LEU A 290 19.28 -28.57 -12.66
N GLN A 291 19.08 -28.98 -11.42
CA GLN A 291 20.12 -29.77 -10.73
C GLN A 291 20.36 -31.12 -11.46
N GLN A 292 19.30 -31.76 -11.95
CA GLN A 292 19.45 -32.99 -12.71
C GLN A 292 20.21 -32.74 -14.01
N LEU A 293 20.09 -31.51 -14.47
CA LEU A 293 20.77 -31.09 -15.68
C LEU A 293 22.09 -30.41 -15.38
N GLY A 294 22.64 -30.58 -14.20
CA GLY A 294 24.02 -30.12 -14.03
C GLY A 294 24.18 -28.98 -13.08
N GLY A 295 23.07 -28.36 -12.65
CA GLY A 295 23.23 -27.20 -11.74
C GLY A 295 23.55 -27.61 -10.31
N GLY A 296 24.08 -26.65 -9.54
CA GLY A 296 24.45 -26.83 -8.12
C GLY A 296 23.41 -26.24 -7.17
N GLU A 297 23.79 -25.95 -5.93
CA GLU A 297 22.84 -25.32 -4.97
C GLU A 297 22.27 -24.03 -5.57
N ALA A 298 20.97 -23.80 -5.43
CA ALA A 298 20.37 -22.56 -5.94
C ALA A 298 20.80 -21.47 -5.03
N ILE A 299 21.36 -20.40 -5.55
CA ILE A 299 21.74 -19.25 -4.73
C ILE A 299 20.70 -18.11 -4.87
N PRO A 300 20.02 -17.72 -3.81
CA PRO A 300 19.18 -16.51 -3.93
C PRO A 300 20.00 -15.19 -4.01
N LEU A 301 19.59 -14.27 -4.87
CA LEU A 301 20.25 -13.01 -4.95
C LEU A 301 19.69 -12.20 -3.79
N GLU A 302 20.44 -11.19 -3.40
CA GLU A 302 20.01 -10.26 -2.40
C GLU A 302 18.92 -9.49 -3.13
N GLY A 303 17.87 -9.06 -2.45
CA GLY A 303 16.71 -8.46 -3.10
C GLY A 303 16.07 -7.46 -2.14
N ARG A 304 15.32 -6.51 -2.68
CA ARG A 304 14.47 -5.57 -1.91
C ARG A 304 13.46 -6.36 -1.11
N GLU A 305 13.26 -5.95 0.14
CA GLU A 305 12.36 -6.59 1.09
C GLU A 305 10.97 -6.29 0.60
N GLU A 306 10.05 -7.24 0.80
CA GLU A 306 8.60 -6.95 0.67
C GLU A 306 8.05 -7.32 1.95
N ASN A 307 7.18 -6.46 2.52
CA ASN A 307 6.64 -6.82 3.77
C ASN A 307 5.09 -6.72 3.76
N ILE A 308 4.48 -6.40 2.62
CA ILE A 308 2.98 -6.25 2.64
C ILE A 308 2.22 -7.58 2.56
N VAL A 309 1.19 -7.69 3.40
CA VAL A 309 0.20 -8.80 3.47
C VAL A 309 -1.19 -8.16 3.36
N PHE A 310 -2.09 -8.73 2.52
CA PHE A 310 -3.48 -8.29 2.50
C PHE A 310 -4.31 -9.43 3.05
N GLU A 311 -5.11 -9.16 4.07
CA GLU A 311 -5.83 -10.27 4.77
C GLU A 311 -7.13 -10.54 4.04
N VAL A 312 -7.68 -11.75 4.28
CA VAL A 312 -8.92 -12.09 3.63
C VAL A 312 -10.00 -11.35 4.36
N PRO A 313 -11.15 -11.18 3.73
CA PRO A 313 -12.24 -10.51 4.40
C PRO A 313 -12.62 -11.35 5.65
N LYS A 314 -13.15 -10.67 6.67
CA LYS A 314 -13.39 -11.27 8.00
C LYS A 314 -14.42 -12.42 7.89
N GLU A 315 -15.42 -12.25 7.00
CA GLU A 315 -16.41 -13.27 6.61
C GLU A 315 -15.72 -14.56 6.19
N LEU A 316 -14.45 -14.49 5.77
CA LEU A 316 -13.73 -15.66 5.25
C LEU A 316 -12.57 -16.18 6.12
N ARG A 317 -12.45 -15.71 7.35
CA ARG A 317 -11.49 -16.34 8.31
C ARG A 317 -11.81 -17.82 8.52
N MET B 9 -26.88 5.15 29.27
CA MET B 9 -25.82 5.67 28.28
C MET B 9 -25.33 4.63 27.28
N GLN B 10 -25.51 4.96 26.03
CA GLN B 10 -25.10 4.08 24.98
C GLN B 10 -23.64 4.39 24.64
N ILE B 11 -22.82 3.35 24.43
CA ILE B 11 -21.35 3.53 24.06
C ILE B 11 -21.21 2.99 22.62
N LEU B 12 -20.72 3.85 21.74
CA LEU B 12 -20.54 3.48 20.36
C LEU B 12 -19.06 3.44 20.13
N LEU B 13 -18.57 2.48 19.33
CA LEU B 13 -17.13 2.40 18.99
C LEU B 13 -16.98 2.69 17.54
N ALA B 14 -16.02 3.52 17.22
CA ALA B 14 -15.74 3.87 15.82
C ALA B 14 -15.05 2.72 15.13
N ASN B 15 -15.27 2.64 13.83
CA ASN B 15 -14.57 1.57 13.14
C ASN B 15 -14.30 2.04 11.71
N PRO B 16 -13.02 2.00 11.31
CA PRO B 16 -11.84 1.60 12.14
C PRO B 16 -11.38 2.55 13.28
N ARG B 17 -10.63 2.00 14.21
CA ARG B 17 -10.02 2.77 15.28
C ARG B 17 -8.71 2.06 15.67
N GLY B 18 -7.79 2.74 16.35
CA GLY B 18 -6.63 2.05 16.99
C GLY B 18 -5.61 1.69 15.92
N PHE B 19 -4.80 0.69 16.23
CA PHE B 19 -3.56 0.41 15.52
C PHE B 19 -3.77 0.38 14.01
N CYS B 20 -2.92 1.08 13.34
CA CYS B 20 -2.76 0.86 11.93
C CYS B 20 -1.61 -0.18 11.69
N ALA B 21 -1.37 -0.50 10.43
CA ALA B 21 -0.39 -1.52 10.11
C ALA B 21 1.02 -1.04 10.37
N GLY B 22 1.32 0.26 10.13
CA GLY B 22 2.67 0.77 10.39
C GLY B 22 3.02 0.69 11.87
N VAL B 23 2.06 1.02 12.73
CA VAL B 23 2.29 1.03 14.19
C VAL B 23 2.44 -0.39 14.61
N ASP B 24 1.55 -1.28 14.15
CA ASP B 24 1.68 -2.72 14.56
C ASP B 24 3.13 -3.24 14.29
N ARG B 25 3.58 -2.98 13.09
CA ARG B 25 4.90 -3.39 12.73
C ARG B 25 6.01 -2.74 13.62
N ALA B 26 5.93 -1.42 13.87
CA ALA B 26 6.99 -0.67 14.60
C ALA B 26 7.10 -1.21 15.99
N ILE B 27 5.95 -1.47 16.61
CA ILE B 27 5.99 -2.06 17.97
C ILE B 27 6.55 -3.46 17.97
N SER B 28 6.13 -4.23 16.98
CA SER B 28 6.55 -5.61 16.93
C SER B 28 8.02 -5.64 16.69
N ILE B 29 8.54 -4.69 15.91
CA ILE B 29 10.06 -4.57 15.76
C ILE B 29 10.79 -4.45 17.06
N VAL B 30 10.40 -3.50 17.92
CA VAL B 30 11.00 -3.31 19.25
C VAL B 30 10.81 -4.58 20.12
N GLU B 31 9.56 -5.08 20.22
CA GLU B 31 9.29 -6.27 20.99
C GLU B 31 10.19 -7.45 20.58
N ASN B 32 10.34 -7.66 19.29
CA ASN B 32 10.99 -8.87 18.78
C ASN B 32 12.45 -8.67 18.92
N ALA B 33 12.91 -7.41 18.81
CA ALA B 33 14.36 -7.16 19.01
C ALA B 33 14.67 -7.46 20.48
N LEU B 34 13.80 -7.05 21.38
CA LEU B 34 14.00 -7.33 22.79
C LEU B 34 14.02 -8.85 23.07
N ALA B 35 13.02 -9.56 22.53
CA ALA B 35 12.96 -11.05 22.56
C ALA B 35 14.18 -11.69 21.99
N ILE B 36 14.71 -11.23 20.87
CA ILE B 36 15.79 -11.93 20.23
C ILE B 36 17.14 -11.62 20.85
N TYR B 37 17.37 -10.33 21.10
CA TYR B 37 18.69 -9.90 21.51
C TYR B 37 18.80 -9.62 23.04
N GLY B 38 17.65 -9.56 23.70
CA GLY B 38 17.57 -9.05 25.07
C GLY B 38 17.75 -7.55 25.27
N ALA B 39 17.44 -7.05 26.48
CA ALA B 39 17.63 -5.64 26.82
C ALA B 39 19.15 -5.36 26.98
N PRO B 40 19.61 -4.12 26.70
CA PRO B 40 18.83 -3.02 26.22
C PRO B 40 18.70 -3.08 24.69
N ILE B 41 17.64 -2.46 24.21
CA ILE B 41 17.49 -2.12 22.75
C ILE B 41 17.23 -0.63 22.74
N TYR B 42 18.05 0.13 22.03
CA TYR B 42 17.88 1.57 21.94
C TYR B 42 16.88 1.96 20.82
N VAL B 43 16.05 2.93 21.11
CA VAL B 43 15.17 3.44 20.09
C VAL B 43 15.30 4.93 19.99
N ARG B 44 15.38 5.40 18.76
CA ARG B 44 15.59 6.83 18.49
C ARG B 44 14.25 7.52 18.46
N HIS B 45 13.93 8.22 19.54
CA HIS B 45 12.64 8.86 19.78
C HIS B 45 11.54 7.85 20.08
N GLU B 46 10.40 8.33 20.62
CA GLU B 46 9.25 7.40 20.88
C GLU B 46 8.92 6.58 19.63
N VAL B 47 8.90 5.26 19.78
CA VAL B 47 8.77 4.44 18.61
C VAL B 47 7.41 4.77 17.94
N VAL B 48 6.38 4.99 18.74
CA VAL B 48 5.08 5.63 18.28
C VAL B 48 4.66 6.58 19.39
N HIS B 49 3.77 7.54 19.03
CA HIS B 49 3.38 8.58 19.98
C HIS B 49 2.29 8.07 20.86
N ASN B 50 2.66 7.12 21.71
CA ASN B 50 1.69 6.67 22.68
C ASN B 50 2.45 6.34 24.00
N ARG B 51 2.09 7.06 25.05
CA ARG B 51 2.69 6.96 26.34
C ARG B 51 2.58 5.53 26.91
N TYR B 52 1.42 4.92 26.90
CA TYR B 52 1.31 3.51 27.35
C TYR B 52 2.27 2.54 26.57
N VAL B 53 2.35 2.68 25.23
CA VAL B 53 3.26 1.81 24.45
C VAL B 53 4.73 2.06 24.87
N VAL B 54 5.07 3.33 24.99
CA VAL B 54 6.49 3.70 25.17
C VAL B 54 6.86 3.26 26.65
N ASP B 55 5.97 3.55 27.60
CA ASP B 55 6.21 3.15 29.05
C ASP B 55 6.34 1.62 29.16
N SER B 56 5.47 0.94 28.42
CA SER B 56 5.45 -0.50 28.48
C SER B 56 6.74 -1.08 27.90
N LEU B 57 7.16 -0.54 26.74
CA LEU B 57 8.44 -0.96 26.16
C LEU B 57 9.69 -0.63 27.05
N ARG B 58 9.70 0.56 27.69
CA ARG B 58 10.79 0.97 28.60
C ARG B 58 10.85 -0.07 29.77
N GLU B 59 9.69 -0.51 30.25
CA GLU B 59 9.57 -1.50 31.33
C GLU B 59 10.15 -2.86 30.89
N ARG B 60 10.21 -3.11 29.58
CA ARG B 60 10.70 -4.33 29.05
C ARG B 60 12.19 -4.19 28.65
N GLY B 61 12.73 -2.98 28.80
CA GLY B 61 14.15 -2.76 28.56
C GLY B 61 14.55 -1.97 27.31
N ALA B 62 13.55 -1.38 26.64
CA ALA B 62 13.85 -0.48 25.49
C ALA B 62 14.37 0.82 26.12
N ILE B 63 15.43 1.42 25.57
CA ILE B 63 15.84 2.70 26.04
C ILE B 63 15.55 3.77 24.94
N PHE B 64 14.72 4.77 25.21
CA PHE B 64 14.40 5.79 24.21
C PHE B 64 15.40 6.94 24.27
N ILE B 65 16.17 7.18 23.21
CA ILE B 65 17.25 8.24 23.26
C ILE B 65 16.93 9.33 22.26
N GLU B 66 17.65 10.46 22.30
CA GLU B 66 17.22 11.50 21.37
C GLU B 66 18.21 11.54 20.23
N GLN B 67 19.47 11.19 20.51
CA GLN B 67 20.48 11.36 19.46
C GLN B 67 21.21 10.08 19.43
N ILE B 68 21.56 9.69 18.23
CA ILE B 68 22.34 8.47 18.05
C ILE B 68 23.67 8.42 18.84
N SER B 69 24.25 9.59 19.10
CA SER B 69 25.57 9.61 19.80
C SER B 69 25.35 9.14 21.23
N GLU B 70 24.10 9.03 21.69
CA GLU B 70 23.86 8.52 23.04
C GLU B 70 23.92 6.97 23.09
N VAL B 71 24.12 6.34 21.94
CA VAL B 71 23.96 4.86 21.81
C VAL B 71 25.34 4.24 21.75
N PRO B 72 25.65 3.29 22.68
CA PRO B 72 27.04 2.75 22.67
C PRO B 72 27.32 1.89 21.42
N ASP B 73 28.58 1.73 21.03
CA ASP B 73 28.89 0.80 19.94
C ASP B 73 28.51 -0.63 20.29
N GLY B 74 28.12 -1.41 19.29
CA GLY B 74 27.80 -2.82 19.49
C GLY B 74 26.31 -2.94 19.81
N ALA B 75 25.59 -1.82 19.91
CA ALA B 75 24.15 -1.90 20.20
C ALA B 75 23.26 -2.22 18.99
N ILE B 76 21.99 -2.45 19.34
CA ILE B 76 20.90 -2.48 18.40
C ILE B 76 20.11 -1.16 18.53
N LEU B 77 19.84 -0.54 17.37
CA LEU B 77 19.14 0.75 17.41
C LEU B 77 17.97 0.66 16.50
N ILE B 78 16.86 1.26 16.86
CA ILE B 78 15.64 1.19 16.07
C ILE B 78 15.29 2.61 15.67
N PHE B 79 14.91 2.90 14.39
CA PHE B 79 14.36 4.22 14.07
C PHE B 79 12.87 4.19 14.35
N SER B 80 12.25 5.31 14.81
CA SER B 80 10.82 5.27 15.08
C SER B 80 10.02 5.23 13.84
N ALA B 81 8.76 4.93 14.03
CA ALA B 81 7.79 4.74 12.90
C ALA B 81 7.71 6.01 12.01
N HIS B 82 8.01 7.16 12.67
CA HIS B 82 7.90 8.47 12.02
C HIS B 82 8.89 8.74 10.97
N GLY B 83 9.97 7.92 10.93
CA GLY B 83 11.08 8.10 9.95
C GLY B 83 12.16 9.04 10.45
N VAL B 84 13.24 9.07 9.65
CA VAL B 84 14.38 9.90 10.01
C VAL B 84 14.99 10.51 8.75
N SER B 85 15.78 11.55 8.95
CA SER B 85 16.38 12.30 7.88
C SER B 85 17.49 11.44 7.31
N GLN B 86 17.93 11.76 6.09
CA GLN B 86 19.09 11.14 5.53
C GLN B 86 20.29 11.29 6.45
N ALA B 87 20.43 12.46 7.12
CA ALA B 87 21.62 12.71 7.94
C ALA B 87 21.61 11.77 9.13
N VAL B 88 20.41 11.48 9.66
CA VAL B 88 20.36 10.60 10.81
C VAL B 88 20.69 9.21 10.33
N ARG B 89 20.14 8.82 9.18
CA ARG B 89 20.36 7.49 8.65
C ARG B 89 21.84 7.29 8.43
N ASN B 90 22.49 8.30 7.86
CA ASN B 90 23.91 8.14 7.47
C ASN B 90 24.81 8.09 8.68
N GLU B 91 24.44 8.87 9.70
CA GLU B 91 25.17 8.75 10.92
C GLU B 91 25.10 7.34 11.57
N ALA B 92 23.90 6.75 11.66
CA ALA B 92 23.76 5.40 12.15
C ALA B 92 24.58 4.44 11.25
N LYS B 93 24.57 4.67 9.94
CA LYS B 93 25.22 3.77 8.98
C LYS B 93 26.72 3.70 9.26
N SER B 94 27.28 4.83 9.63
CA SER B 94 28.70 4.91 9.82
C SER B 94 29.18 4.38 11.16
N ARG B 95 28.25 4.24 12.11
CA ARG B 95 28.51 3.73 13.42
C ARG B 95 28.50 2.18 13.45
N ASP B 96 29.24 1.62 14.39
CA ASP B 96 29.25 0.17 14.66
C ASP B 96 27.97 -0.18 15.46
N LEU B 97 26.81 -0.09 14.79
CA LEU B 97 25.47 -0.34 15.37
C LEU B 97 24.70 -1.27 14.47
N THR B 98 23.84 -2.15 15.02
CA THR B 98 22.92 -2.95 14.24
C THR B 98 21.63 -2.13 14.20
N VAL B 99 21.18 -1.77 13.00
CA VAL B 99 20.07 -0.83 12.89
C VAL B 99 18.84 -1.51 12.29
N PHE B 100 17.66 -1.36 12.93
CA PHE B 100 16.43 -1.84 12.32
C PHE B 100 15.59 -0.60 12.12
N ASP B 101 14.92 -0.51 10.96
CA ASP B 101 14.14 0.69 10.65
C ASP B 101 12.65 0.47 10.80
N ALA B 102 12.01 0.99 11.84
CA ALA B 102 10.57 0.82 12.00
C ALA B 102 9.78 1.93 11.29
N THR B 103 10.45 2.78 10.47
CA THR B 103 9.68 3.82 9.75
C THR B 103 8.49 3.14 9.02
N CYS B 104 7.34 3.70 9.17
CA CYS B 104 6.20 3.13 8.39
C CYS B 104 6.45 3.15 6.86
N PRO B 105 6.19 2.03 6.17
CA PRO B 105 6.35 2.05 4.70
C PRO B 105 5.62 3.20 4.00
N LEU B 106 4.51 3.73 4.51
CA LEU B 106 3.82 4.84 3.86
C LEU B 106 4.49 6.15 4.04
N VAL B 107 5.39 6.21 5.03
CA VAL B 107 6.26 7.42 5.25
C VAL B 107 7.46 7.25 4.35
N THR B 108 8.01 6.04 4.34
CA THR B 108 9.17 5.74 3.42
C THR B 108 8.78 6.04 1.95
N LYS B 109 7.52 5.87 1.61
CA LYS B 109 7.00 6.18 0.25
C LYS B 109 7.18 7.71 -0.05
N VAL B 110 6.73 8.58 0.89
CA VAL B 110 6.90 10.05 0.73
C VAL B 110 8.42 10.39 0.62
N HIS B 111 9.24 9.79 1.50
CA HIS B 111 10.67 10.04 1.50
C HIS B 111 11.25 9.78 0.10
N MET B 112 10.88 8.66 -0.52
CA MET B 112 11.44 8.33 -1.85
C MET B 112 11.18 9.38 -2.92
N GLU B 113 10.02 9.99 -2.86
CA GLU B 113 9.64 11.06 -3.77
C GLU B 113 10.38 12.34 -3.49
N VAL B 114 10.66 12.62 -2.21
CA VAL B 114 11.38 13.81 -1.87
C VAL B 114 12.81 13.64 -2.37
N ALA B 115 13.32 12.40 -2.24
CA ALA B 115 14.70 12.13 -2.70
C ALA B 115 14.68 12.19 -4.24
N ARG B 116 13.59 11.78 -4.88
CA ARG B 116 13.50 11.89 -6.36
C ARG B 116 13.60 13.38 -6.78
N ALA B 117 12.90 14.25 -6.09
CA ALA B 117 12.90 15.67 -6.45
C ALA B 117 14.24 16.37 -6.15
N SER B 118 14.98 15.89 -5.16
CA SER B 118 16.26 16.43 -4.77
C SER B 118 17.26 16.12 -5.86
N ARG B 119 17.19 14.89 -6.36
CA ARG B 119 18.21 14.33 -7.28
C ARG B 119 18.11 15.22 -8.52
N ARG B 120 16.87 15.54 -8.90
CA ARG B 120 16.54 16.40 -10.02
C ARG B 120 16.83 17.86 -9.80
N GLY B 121 17.14 18.29 -8.57
CA GLY B 121 17.26 19.73 -8.26
C GLY B 121 15.95 20.51 -8.45
N GLU B 122 14.81 19.84 -8.42
CA GLU B 122 13.53 20.51 -8.52
C GLU B 122 13.00 20.81 -7.13
N GLU B 123 12.39 21.98 -6.94
CA GLU B 123 11.93 22.36 -5.61
C GLU B 123 10.68 21.56 -5.21
N SER B 124 10.58 21.32 -3.90
CA SER B 124 9.45 20.55 -3.38
C SER B 124 8.93 21.29 -2.19
N ILE B 125 7.62 21.13 -1.93
CA ILE B 125 6.86 21.81 -0.84
C ILE B 125 6.17 20.67 -0.06
N LEU B 126 6.40 20.60 1.26
CA LEU B 126 5.73 19.63 2.13
C LEU B 126 4.64 20.35 2.83
N ILE B 127 3.48 19.72 2.82
CA ILE B 127 2.36 20.19 3.67
C ILE B 127 2.42 19.41 4.96
N GLY B 128 2.63 20.12 6.05
CA GLY B 128 2.93 19.49 7.37
C GLY B 128 3.02 20.44 8.52
N HIS B 129 3.24 19.90 9.72
CA HIS B 129 3.25 20.76 10.95
C HIS B 129 4.72 20.90 11.41
N ALA B 130 5.27 22.13 11.53
CA ALA B 130 6.69 22.35 11.92
C ALA B 130 6.99 21.56 13.25
N GLY B 131 8.20 21.04 13.45
CA GLY B 131 8.57 20.35 14.68
C GLY B 131 8.18 18.85 14.75
N HIS B 132 7.27 18.37 13.91
CA HIS B 132 6.88 16.94 13.96
C HIS B 132 8.01 16.10 13.44
N PRO B 133 8.29 14.98 14.11
CA PRO B 133 9.34 14.15 13.67
C PRO B 133 9.18 13.66 12.24
N GLU B 134 7.96 13.38 11.77
CA GLU B 134 7.80 12.90 10.39
C GLU B 134 8.21 14.07 9.48
N VAL B 135 7.82 15.32 9.84
CA VAL B 135 8.29 16.47 9.01
C VAL B 135 9.83 16.64 8.92
N GLU B 136 10.49 16.55 10.08
CA GLU B 136 11.98 16.52 10.08
C GLU B 136 12.47 15.46 9.17
N GLY B 137 11.98 14.22 9.31
CA GLY B 137 12.55 13.10 8.49
C GLY B 137 12.27 13.31 7.00
N THR B 138 11.09 13.81 6.67
CA THR B 138 10.69 14.02 5.21
C THR B 138 11.49 15.19 4.60
N MET B 139 11.53 16.32 5.29
CA MET B 139 12.37 17.49 4.80
C MET B 139 13.80 17.03 4.72
N GLY B 140 14.22 16.14 5.64
CA GLY B 140 15.61 15.62 5.64
C GLY B 140 15.98 14.67 4.52
N GLN B 141 15.05 14.40 3.60
CA GLN B 141 15.36 13.59 2.40
C GLN B 141 15.78 14.53 1.27
N TYR B 142 15.71 15.83 1.50
CA TYR B 142 16.05 16.75 0.39
C TYR B 142 17.43 17.30 0.59
N SER B 143 18.36 17.13 -0.35
CA SER B 143 19.68 17.71 -0.03
C SER B 143 20.23 18.69 -1.07
N ASN B 144 19.62 18.73 -2.27
CA ASN B 144 20.14 19.58 -3.37
C ASN B 144 20.10 21.06 -3.01
N PRO B 145 21.28 21.68 -2.83
CA PRO B 145 21.24 23.13 -2.57
C PRO B 145 20.76 23.86 -3.83
N GLU B 146 20.86 23.20 -4.99
CA GLU B 146 20.43 23.83 -6.25
C GLU B 146 18.94 24.04 -6.32
N GLY B 147 18.21 23.22 -5.55
CA GLY B 147 16.75 23.25 -5.52
C GLY B 147 16.27 23.91 -4.25
N GLY B 148 15.29 23.30 -3.59
CA GLY B 148 14.82 23.84 -2.32
C GLY B 148 13.69 23.00 -1.78
N MET B 149 13.48 23.09 -0.46
CA MET B 149 12.44 22.26 0.22
C MET B 149 11.80 23.14 1.22
N TYR B 150 10.51 23.39 1.08
CA TYR B 150 9.81 24.41 1.87
C TYR B 150 8.67 23.71 2.61
N LEU B 151 8.30 24.20 3.79
CA LEU B 151 7.19 23.57 4.55
C LEU B 151 6.08 24.58 4.53
N VAL B 152 4.82 24.17 4.25
CA VAL B 152 3.68 25.04 4.41
C VAL B 152 2.66 24.33 5.28
N GLU B 153 1.95 25.07 6.09
CA GLU B 153 0.97 24.47 6.95
C GLU B 153 -0.41 24.94 6.63
N SER B 154 -0.53 26.05 5.95
CA SER B 154 -1.89 26.59 5.76
C SER B 154 -1.97 27.26 4.32
N PRO B 155 -3.18 27.62 3.84
CA PRO B 155 -3.31 28.39 2.59
C PRO B 155 -2.48 29.68 2.69
N ASP B 156 -2.54 30.31 3.85
CA ASP B 156 -1.75 31.55 4.03
C ASP B 156 -0.33 31.34 3.80
N ASP B 157 0.26 30.23 4.32
CA ASP B 157 1.73 30.00 4.07
C ASP B 157 1.96 29.81 2.58
N VAL B 158 0.98 29.24 1.87
CA VAL B 158 1.11 29.04 0.37
C VAL B 158 1.19 30.43 -0.35
N TRP B 159 0.34 31.31 0.10
CA TRP B 159 0.22 32.66 -0.50
C TRP B 159 1.44 33.48 -0.22
N LYS B 160 2.09 33.26 0.94
CA LYS B 160 3.30 34.04 1.23
C LYS B 160 4.61 33.37 0.71
N LEU B 161 4.58 32.14 0.19
CA LEU B 161 5.84 31.43 -0.22
C LEU B 161 6.53 32.04 -1.46
N THR B 162 7.85 32.15 -1.44
CA THR B 162 8.59 32.47 -2.67
C THR B 162 9.42 31.23 -2.98
N VAL B 163 9.52 30.90 -4.26
CA VAL B 163 10.11 29.69 -4.80
C VAL B 163 11.08 30.17 -5.88
N LYS B 164 12.15 29.42 -6.20
CA LYS B 164 13.02 29.88 -7.29
C LYS B 164 12.52 29.57 -8.68
N ASN B 165 11.87 28.42 -8.87
CA ASN B 165 11.37 28.13 -10.18
C ASN B 165 10.00 27.45 -10.16
N GLU B 166 8.94 28.27 -10.29
CA GLU B 166 7.52 27.77 -10.24
C GLU B 166 7.19 26.75 -11.30
N GLU B 167 8.00 26.65 -12.35
CA GLU B 167 7.72 25.75 -13.45
C GLU B 167 8.12 24.32 -13.12
N LYS B 168 9.03 24.16 -12.17
CA LYS B 168 9.53 22.85 -11.71
C LYS B 168 9.27 22.67 -10.19
N LEU B 169 8.03 22.36 -9.84
CA LEU B 169 7.63 22.33 -8.42
C LEU B 169 6.81 21.04 -8.13
N SER B 170 7.05 20.36 -7.02
CA SER B 170 6.22 19.21 -6.66
C SER B 170 5.87 19.37 -5.18
N PHE B 171 4.74 18.81 -4.78
CA PHE B 171 4.39 18.79 -3.36
C PHE B 171 4.25 17.36 -2.82
N MET B 172 4.32 17.25 -1.47
CA MET B 172 4.09 16.01 -0.70
C MET B 172 3.34 16.41 0.56
N THR B 173 2.83 15.44 1.32
CA THR B 173 2.25 15.83 2.56
C THR B 173 2.77 14.86 3.66
N GLN B 174 2.57 15.33 4.89
CA GLN B 174 2.66 14.48 6.03
C GLN B 174 1.45 13.50 6.04
N THR B 175 1.66 12.37 6.71
CA THR B 175 0.76 11.21 6.50
C THR B 175 -0.44 11.25 7.37
N THR B 176 -0.45 12.14 8.38
CA THR B 176 -1.45 12.06 9.43
C THR B 176 -2.29 13.32 9.54
N LEU B 177 -2.32 14.09 8.47
CA LEU B 177 -2.97 15.38 8.48
C LEU B 177 -4.57 15.29 8.37
N SER B 178 -5.25 16.32 8.81
CA SER B 178 -6.65 16.46 8.45
C SER B 178 -6.85 16.43 6.87
N VAL B 179 -7.68 15.49 6.41
CA VAL B 179 -8.00 15.33 4.98
C VAL B 179 -8.56 16.62 4.45
N ASP B 180 -9.57 17.14 5.17
CA ASP B 180 -10.17 18.41 4.80
C ASP B 180 -9.24 19.63 4.75
N ASP B 181 -8.37 19.82 5.74
CA ASP B 181 -7.60 21.04 5.78
C ASP B 181 -6.51 20.91 4.73
N THR B 182 -6.01 19.67 4.48
CA THR B 182 -4.99 19.47 3.51
C THR B 182 -5.54 19.84 2.12
N SER B 183 -6.79 19.46 1.88
CA SER B 183 -7.44 19.71 0.67
C SER B 183 -7.40 21.18 0.42
N ASP B 184 -7.73 21.99 1.46
CA ASP B 184 -7.65 23.46 1.31
C ASP B 184 -6.27 23.98 0.92
N VAL B 185 -5.20 23.36 1.44
CA VAL B 185 -3.83 23.86 1.28
C VAL B 185 -3.47 23.46 -0.20
N ILE B 186 -3.87 22.24 -0.58
CA ILE B 186 -3.56 21.82 -1.95
C ILE B 186 -4.32 22.71 -2.99
N ASP B 187 -5.57 23.08 -2.75
CA ASP B 187 -6.32 23.93 -3.72
C ASP B 187 -5.58 25.25 -3.81
N ALA B 188 -5.11 25.75 -2.67
CA ALA B 188 -4.30 26.99 -2.61
C ALA B 188 -3.03 26.84 -3.38
N LEU B 189 -2.34 25.68 -3.27
CA LEU B 189 -1.09 25.40 -4.03
C LEU B 189 -1.32 25.39 -5.56
N ARG B 190 -2.42 24.77 -6.01
CA ARG B 190 -2.67 24.70 -7.47
C ARG B 190 -3.16 26.02 -8.04
N LYS B 191 -3.86 26.87 -7.29
CA LYS B 191 -4.15 28.18 -7.83
C LYS B 191 -2.87 29.02 -7.89
N ARG B 192 -1.97 28.82 -6.96
CA ARG B 192 -0.84 29.72 -6.89
C ARG B 192 0.26 29.26 -7.81
N PHE B 193 0.37 27.97 -7.92
CA PHE B 193 1.45 27.35 -8.71
C PHE B 193 0.81 26.36 -9.66
N PRO B 194 0.19 26.84 -10.75
CA PRO B 194 -0.55 25.92 -11.60
C PRO B 194 0.22 24.74 -12.20
N LYS B 195 1.56 24.81 -12.35
CA LYS B 195 2.39 23.76 -12.92
C LYS B 195 2.82 22.73 -11.85
N ILE B 196 2.38 22.96 -10.60
CA ILE B 196 2.84 22.06 -9.48
C ILE B 196 2.33 20.64 -9.71
N VAL B 197 3.21 19.71 -9.41
CA VAL B 197 2.95 18.29 -9.59
C VAL B 197 2.83 17.60 -8.19
N GLY B 198 1.78 16.82 -7.98
CA GLY B 198 1.70 16.07 -6.73
C GLY B 198 1.16 14.69 -6.96
N PRO B 199 0.75 14.00 -5.88
CA PRO B 199 0.06 12.72 -6.11
C PRO B 199 -1.38 13.03 -6.57
N ARG B 200 -2.21 12.03 -6.83
CA ARG B 200 -3.61 12.34 -7.26
C ARG B 200 -4.32 13.18 -6.22
N LYS B 201 -4.09 12.89 -4.92
CA LYS B 201 -4.82 13.64 -3.87
C LYS B 201 -3.79 14.15 -2.83
N ASP B 202 -3.25 13.28 -1.97
CA ASP B 202 -2.28 13.72 -1.01
C ASP B 202 -1.46 12.49 -0.60
N ASP B 203 -0.66 12.63 0.45
CA ASP B 203 0.13 11.46 0.99
C ASP B 203 -0.47 11.00 2.30
N ILE B 204 -1.66 11.52 2.63
CA ILE B 204 -2.35 11.06 3.87
C ILE B 204 -2.61 9.54 3.71
N CYS B 205 -2.22 8.76 4.73
CA CYS B 205 -2.24 7.33 4.60
C CYS B 205 -3.65 6.82 4.76
N TYR B 206 -3.82 5.58 4.28
CA TYR B 206 -5.21 5.01 4.34
C TYR B 206 -5.71 5.06 5.81
N ALA B 207 -4.82 4.81 6.74
CA ALA B 207 -5.33 4.66 8.16
C ALA B 207 -5.85 6.00 8.77
N THR B 208 -5.22 7.11 8.38
CA THR B 208 -5.63 8.42 8.77
C THR B 208 -6.95 8.73 8.11
N THR B 209 -7.04 8.52 6.82
CA THR B 209 -8.25 8.82 6.11
C THR B 209 -9.42 8.02 6.66
N ASN B 210 -9.18 6.75 6.91
CA ASN B 210 -10.31 5.88 7.41
C ASN B 210 -10.67 6.20 8.83
N ARG B 211 -9.68 6.57 9.65
CA ARG B 211 -10.10 6.93 11.08
C ARG B 211 -10.84 8.24 11.13
N GLN B 212 -10.44 9.19 10.28
CA GLN B 212 -11.23 10.44 10.20
C GLN B 212 -12.67 10.18 9.64
N GLU B 213 -12.77 9.38 8.62
CA GLU B 213 -14.11 9.03 8.06
C GLU B 213 -14.88 8.25 9.13
N ALA B 214 -14.21 7.33 9.80
CA ALA B 214 -14.93 6.74 10.99
C ALA B 214 -15.35 7.67 12.13
N VAL B 215 -14.49 8.62 12.52
CA VAL B 215 -14.89 9.46 13.66
C VAL B 215 -16.00 10.41 13.18
N ARG B 216 -16.02 10.72 11.86
CA ARG B 216 -17.11 11.50 11.33
C ARG B 216 -18.49 10.81 11.54
N ALA B 217 -18.53 9.53 11.21
CA ALA B 217 -19.75 8.72 11.44
C ALA B 217 -20.02 8.58 12.90
N LEU B 218 -18.98 8.49 13.74
CA LEU B 218 -19.23 8.36 15.21
C LEU B 218 -19.91 9.63 15.79
N ALA B 219 -19.41 10.75 15.35
CA ALA B 219 -19.75 12.05 15.88
C ALA B 219 -21.16 12.47 15.43
N GLU B 220 -21.64 11.91 14.30
CA GLU B 220 -23.02 12.07 13.85
C GLU B 220 -23.89 11.49 14.91
N GLN B 221 -23.47 10.44 15.60
CA GLN B 221 -24.39 9.78 16.54
C GLN B 221 -24.19 10.13 18.02
N ALA B 222 -22.95 10.47 18.37
CA ALA B 222 -22.56 10.55 19.77
C ALA B 222 -22.60 12.03 20.13
N GLU B 223 -22.84 12.32 21.41
CA GLU B 223 -22.78 13.68 21.94
C GLU B 223 -21.42 14.00 22.40
N VAL B 224 -20.69 12.99 22.91
CA VAL B 224 -19.32 13.22 23.46
C VAL B 224 -18.47 12.20 22.76
N VAL B 225 -17.30 12.58 22.36
CA VAL B 225 -16.39 11.62 21.73
C VAL B 225 -15.13 11.59 22.55
N LEU B 226 -14.70 10.39 22.98
CA LEU B 226 -13.40 10.22 23.64
C LEU B 226 -12.47 9.68 22.60
N VAL B 227 -11.33 10.33 22.41
CA VAL B 227 -10.30 9.71 21.52
C VAL B 227 -9.14 9.31 22.38
N VAL B 228 -8.77 8.02 22.35
CA VAL B 228 -7.65 7.53 23.13
C VAL B 228 -6.41 7.79 22.27
N GLY B 229 -5.47 8.56 22.80
CA GLY B 229 -4.27 8.95 22.09
C GLY B 229 -3.49 9.87 22.98
N SER B 230 -2.18 9.97 22.76
CA SER B 230 -1.37 10.82 23.60
C SER B 230 -1.35 12.23 22.98
N LYS B 231 -0.83 13.20 23.76
CA LYS B 231 -0.90 14.58 23.36
C LYS B 231 -0.02 14.86 22.16
N ASN B 232 1.04 14.11 21.96
CA ASN B 232 1.96 14.38 20.88
C ASN B 232 1.67 13.50 19.64
N SER B 233 0.49 12.83 19.63
CA SER B 233 0.11 12.06 18.45
C SER B 233 -0.61 12.95 17.47
N SER B 234 0.01 13.27 16.36
CA SER B 234 -0.67 14.11 15.33
C SER B 234 -2.08 13.51 14.93
N ASN B 235 -2.08 12.22 14.58
CA ASN B 235 -3.29 11.66 13.98
C ASN B 235 -4.39 11.63 15.02
N SER B 236 -4.02 11.45 16.31
CA SER B 236 -5.09 11.34 17.41
C SER B 236 -5.72 12.71 17.60
N ASN B 237 -4.88 13.75 17.54
CA ASN B 237 -5.34 15.18 17.58
C ASN B 237 -6.29 15.45 16.45
N ARG B 238 -6.01 14.91 15.22
CA ARG B 238 -6.93 15.28 14.13
C ARG B 238 -8.31 14.65 14.36
N LEU B 239 -8.35 13.49 15.02
CA LEU B 239 -9.60 12.78 15.35
C LEU B 239 -10.45 13.57 16.34
N ALA B 240 -9.84 14.10 17.41
CA ALA B 240 -10.56 14.93 18.41
C ALA B 240 -10.96 16.18 17.75
N GLU B 241 -10.06 16.76 16.97
CA GLU B 241 -10.50 18.03 16.25
C GLU B 241 -11.68 17.89 15.31
N LEU B 242 -11.71 16.81 14.53
CA LEU B 242 -12.76 16.58 13.63
C LEU B 242 -14.10 16.51 14.33
N ALA B 243 -14.14 15.73 15.42
CA ALA B 243 -15.35 15.57 16.26
C ALA B 243 -15.81 16.94 16.89
N GLN B 244 -14.84 17.69 17.34
CA GLN B 244 -15.05 19.03 17.94
C GLN B 244 -15.61 19.95 16.85
N ARG B 245 -15.07 19.82 15.66
CA ARG B 245 -15.54 20.66 14.54
C ARG B 245 -16.98 20.38 14.11
N MET B 246 -17.42 19.16 14.41
CA MET B 246 -18.76 18.72 14.18
C MET B 246 -19.72 19.13 15.29
N GLY B 247 -19.15 19.88 16.27
CA GLY B 247 -19.89 20.48 17.36
C GLY B 247 -20.14 19.51 18.49
N LYS B 248 -19.37 18.42 18.55
CA LYS B 248 -19.57 17.48 19.64
C LYS B 248 -18.46 17.79 20.67
N ARG B 249 -18.73 17.55 21.95
CA ARG B 249 -17.66 17.70 22.90
C ARG B 249 -16.63 16.55 22.72
N ALA B 250 -15.33 16.83 22.62
CA ALA B 250 -14.38 15.73 22.31
C ALA B 250 -13.23 15.87 23.29
N PHE B 251 -12.69 14.73 23.74
CA PHE B 251 -11.52 14.69 24.61
C PHE B 251 -10.49 13.75 24.06
N LEU B 252 -9.23 14.16 24.07
CA LEU B 252 -8.12 13.28 23.79
C LEU B 252 -7.58 12.78 25.16
N ILE B 253 -7.51 11.46 25.37
CA ILE B 253 -7.18 10.93 26.67
C ILE B 253 -6.19 9.79 26.49
N ASP B 254 -5.23 9.74 27.40
CA ASP B 254 -4.33 8.62 27.28
C ASP B 254 -4.95 7.37 27.74
N ASP B 255 -5.82 7.44 28.75
CA ASP B 255 -6.42 6.19 29.26
C ASP B 255 -7.62 6.43 30.09
N ALA B 256 -8.17 5.33 30.54
CA ALA B 256 -9.39 5.38 31.24
C ALA B 256 -9.41 6.30 32.51
N LYS B 257 -8.25 6.50 33.15
CA LYS B 257 -8.09 7.29 34.43
C LYS B 257 -8.21 8.75 34.16
N ASP B 258 -7.94 9.20 32.92
CA ASP B 258 -8.24 10.57 32.54
C ASP B 258 -9.71 10.95 32.41
N ILE B 259 -10.64 10.00 32.28
CA ILE B 259 -12.01 10.35 32.16
C ILE B 259 -12.57 11.03 33.48
N GLN B 260 -13.15 12.20 33.35
CA GLN B 260 -13.82 12.93 34.49
C GLN B 260 -15.31 12.64 34.38
N GLU B 261 -16.02 12.29 35.48
CA GLU B 261 -17.46 11.90 35.25
C GLU B 261 -18.38 13.04 34.78
N GLU B 262 -18.03 14.27 35.19
CA GLU B 262 -18.64 15.50 34.66
C GLU B 262 -18.73 15.46 33.12
N TRP B 263 -17.68 14.94 32.42
CA TRP B 263 -17.74 14.82 30.94
C TRP B 263 -18.88 14.03 30.39
N VAL B 264 -19.33 13.00 31.10
CA VAL B 264 -20.37 12.10 30.59
C VAL B 264 -21.70 12.05 31.40
N LYS B 265 -21.80 12.86 32.45
CA LYS B 265 -23.01 12.85 33.27
C LYS B 265 -24.25 13.23 32.41
N GLU B 266 -25.28 12.38 32.47
CA GLU B 266 -26.52 12.55 31.66
C GLU B 266 -26.33 12.67 30.13
N VAL B 267 -25.10 12.44 29.65
CA VAL B 267 -24.82 12.18 28.26
C VAL B 267 -25.53 10.87 27.87
N LYS B 268 -26.29 10.86 26.77
CA LYS B 268 -27.05 9.64 26.38
C LYS B 268 -26.31 8.75 25.37
N CYS B 269 -25.39 9.35 24.63
CA CYS B 269 -24.61 8.50 23.76
C CYS B 269 -23.19 9.05 23.74
N VAL B 270 -22.23 8.18 24.08
CA VAL B 270 -20.77 8.57 24.07
C VAL B 270 -20.06 7.69 23.06
N GLY B 271 -19.13 8.28 22.30
CA GLY B 271 -18.44 7.50 21.31
C GLY B 271 -17.04 7.40 21.75
N VAL B 272 -16.40 6.29 21.35
CA VAL B 272 -15.03 6.10 21.71
C VAL B 272 -14.31 5.77 20.38
N THR B 273 -13.23 6.47 20.17
CA THR B 273 -12.28 5.97 19.12
C THR B 273 -10.85 5.97 19.67
N ALA B 274 -9.85 5.64 18.84
CA ALA B 274 -8.48 5.62 19.28
C ALA B 274 -7.68 5.97 18.05
N GLY B 275 -6.61 6.75 18.27
CA GLY B 275 -5.68 7.10 17.20
C GLY B 275 -4.86 5.88 16.86
N ALA B 276 -4.17 5.97 15.74
CA ALA B 276 -3.46 4.79 15.20
C ALA B 276 -2.37 4.23 16.11
N SER B 277 -1.95 4.97 17.15
CA SER B 277 -0.87 4.46 17.96
C SER B 277 -1.31 3.92 19.40
N ALA B 278 -2.63 3.91 19.59
CA ALA B 278 -3.25 3.48 20.84
C ALA B 278 -3.67 1.98 20.82
N PRO B 279 -3.12 1.16 21.75
CA PRO B 279 -3.46 -0.26 21.84
C PRO B 279 -4.94 -0.47 22.23
N ASP B 280 -5.49 -1.58 21.74
CA ASP B 280 -6.92 -1.85 21.93
C ASP B 280 -7.23 -2.06 23.42
N ILE B 281 -6.27 -2.54 24.21
CA ILE B 281 -6.61 -2.76 25.66
C ILE B 281 -6.96 -1.41 26.31
N LEU B 282 -6.32 -0.30 25.87
CA LEU B 282 -6.76 1.04 26.40
C LEU B 282 -8.17 1.33 26.07
N VAL B 283 -8.62 0.99 24.86
CA VAL B 283 -10.06 1.21 24.52
C VAL B 283 -10.94 0.33 25.40
N GLN B 284 -10.59 -0.94 25.55
CA GLN B 284 -11.40 -1.84 26.39
C GLN B 284 -11.50 -1.29 27.81
N ASN B 285 -10.43 -0.70 28.36
CA ASN B 285 -10.45 -0.14 29.77
C ASN B 285 -11.30 1.12 29.80
N VAL B 286 -11.26 1.89 28.71
CA VAL B 286 -12.14 3.14 28.65
C VAL B 286 -13.60 2.67 28.66
N VAL B 287 -13.82 1.67 27.86
CA VAL B 287 -15.21 1.12 27.76
C VAL B 287 -15.65 0.62 29.14
N ALA B 288 -14.74 -0.08 29.85
CA ALA B 288 -15.14 -0.55 31.19
C ALA B 288 -15.32 0.60 32.22
N ARG B 289 -14.47 1.63 32.15
CA ARG B 289 -14.76 2.82 32.93
C ARG B 289 -16.09 3.51 32.55
N LEU B 290 -16.44 3.62 31.26
CA LEU B 290 -17.75 4.20 30.91
C LEU B 290 -18.93 3.37 31.40
N GLN B 291 -18.74 2.05 31.46
CA GLN B 291 -19.81 1.16 32.03
C GLN B 291 -19.96 1.37 33.55
N GLN B 292 -18.87 1.63 34.23
CA GLN B 292 -18.95 2.05 35.64
C GLN B 292 -19.78 3.28 35.80
N LEU B 293 -19.81 4.06 34.74
CA LEU B 293 -20.35 5.39 34.83
C LEU B 293 -21.72 5.32 34.18
N GLY B 294 -22.28 4.11 34.07
CA GLY B 294 -23.60 4.01 33.51
C GLY B 294 -23.76 3.51 32.11
N GLY B 295 -22.68 3.18 31.41
CA GLY B 295 -22.83 2.85 30.04
C GLY B 295 -23.28 1.41 29.87
N GLY B 296 -23.93 1.10 28.76
CA GLY B 296 -24.31 -0.30 28.49
C GLY B 296 -23.23 -1.02 27.69
N GLU B 297 -23.63 -2.05 26.96
CA GLU B 297 -22.78 -2.80 26.01
C GLU B 297 -22.13 -1.89 25.01
N ALA B 298 -20.85 -2.07 24.72
CA ALA B 298 -20.23 -1.19 23.73
C ALA B 298 -20.67 -1.74 22.39
N ILE B 299 -21.28 -0.89 21.57
CA ILE B 299 -21.67 -1.21 20.19
C ILE B 299 -20.65 -0.69 19.17
N PRO B 300 -19.95 -1.57 18.45
CA PRO B 300 -19.12 -1.14 17.31
C PRO B 300 -19.94 -0.72 16.07
N LEU B 301 -19.60 0.42 15.48
CA LEU B 301 -20.24 0.86 14.29
C LEU B 301 -19.68 0.00 13.19
N GLU B 302 -20.43 -0.09 12.10
CA GLU B 302 -20.01 -0.81 10.91
C GLU B 302 -18.99 0.09 10.25
N GLY B 303 -17.98 -0.45 9.59
CA GLY B 303 -16.91 0.48 9.16
C GLY B 303 -16.20 -0.08 7.98
N ARG B 304 -15.44 0.77 7.30
CA ARG B 304 -14.63 0.36 6.17
C ARG B 304 -13.61 -0.68 6.63
N GLU B 305 -13.49 -1.77 5.87
CA GLU B 305 -12.63 -2.86 6.26
C GLU B 305 -11.21 -2.39 6.01
N GLU B 306 -10.26 -2.83 6.84
CA GLU B 306 -8.79 -2.63 6.63
C GLU B 306 -8.17 -3.96 6.51
N ASN B 307 -7.42 -4.19 5.46
CA ASN B 307 -6.84 -5.50 5.37
C ASN B 307 -5.31 -5.49 5.27
N ILE B 308 -4.70 -4.31 5.37
CA ILE B 308 -3.21 -4.22 5.21
C ILE B 308 -2.43 -4.64 6.46
N VAL B 309 -1.36 -5.45 6.30
CA VAL B 309 -0.48 -5.86 7.43
C VAL B 309 0.92 -5.59 6.86
N PHE B 310 1.85 -5.01 7.68
CA PHE B 310 3.26 -4.90 7.21
C PHE B 310 4.06 -5.78 8.15
N GLU B 311 4.78 -6.75 7.61
CA GLU B 311 5.56 -7.67 8.46
C GLU B 311 6.86 -7.07 8.91
N VAL B 312 7.32 -7.56 10.05
CA VAL B 312 8.63 -7.15 10.57
C VAL B 312 9.68 -7.68 9.61
N PRO B 313 10.88 -7.07 9.60
CA PRO B 313 12.01 -7.57 8.83
C PRO B 313 12.30 -9.06 9.20
N LYS B 314 12.79 -9.84 8.22
CA LYS B 314 12.94 -11.31 8.43
C LYS B 314 13.92 -11.63 9.56
N GLU B 315 15.00 -10.84 9.69
CA GLU B 315 15.85 -10.85 10.92
C GLU B 315 15.10 -10.85 12.25
N LEU B 316 13.88 -10.32 12.31
CA LEU B 316 13.20 -10.10 13.59
C LEU B 316 11.98 -11.02 13.79
N ARG B 317 11.79 -11.95 12.87
CA ARG B 317 10.77 -12.99 13.06
C ARG B 317 10.91 -13.70 14.39
N VAL B 318 9.79 -13.81 15.13
CA VAL B 318 9.69 -14.67 16.33
C VAL B 318 8.82 -15.92 15.98
FE1 SF4 C . -0.24 -8.74 -7.18
FE2 SF4 C . -2.05 -6.85 -6.54
FE3 SF4 C . -1.64 -7.54 -9.12
FE4 SF4 C . 0.20 -6.19 -7.78
S1 SF4 C . -1.90 -5.42 -8.28
S2 SF4 C . 0.67 -8.02 -9.09
S3 SF4 C . 0.13 -7.01 -5.65
S4 SF4 C . -2.44 -9.00 -7.48
O14 10D D . -0.37 -10.34 -14.44
P10 10D D . -1.77 -10.68 -14.63
O11 10D D . -2.12 -11.33 -15.98
O15 10D D . -2.53 -9.40 -14.37
O9 10D D . -2.33 -11.65 -13.50
P8 10D D . -1.69 -12.75 -12.55
O12 10D D . -2.94 -13.43 -12.03
O13 10D D . -0.55 -13.50 -13.34
O7 10D D . -0.91 -11.97 -11.49
C6 10D D . -1.29 -11.56 -10.26
C5 10D D . -2.33 -10.64 -10.49
C3 10D D . -1.93 -9.49 -10.86
C4 10D D . -0.40 -9.24 -11.00
C1 10D D . -3.12 -8.53 -10.93
F2 10D D . -4.13 -9.14 -10.14
FE1 SF4 E . 0.12 4.31 10.58
FE2 SF4 E . 1.93 4.21 8.57
FE3 SF4 E . 1.53 6.51 10.03
FE4 SF4 E . -0.34 5.66 8.31
S1 SF4 E . 1.80 6.38 7.76
S2 SF4 E . -0.79 6.32 10.47
S3 SF4 E . -0.22 3.43 8.41
S4 SF4 E . 2.32 4.48 10.87
O14 10D F . 2.07 11.81 15.64
P10 10D F . 1.77 10.86 14.61
O11 10D F . 0.32 10.74 14.33
O15 10D F . 2.60 10.98 13.30
O9 10D F . 2.41 9.52 15.25
P8 10D F . 1.79 8.22 16.01
O12 10D F . 0.67 8.69 17.02
O13 10D F . 2.99 7.50 16.49
O7 10D F . 0.87 7.48 15.07
C6 10D F . 1.07 6.39 14.24
C5 10D F . 2.12 6.85 13.41
C3 10D F . 1.76 7.57 12.43
C4 10D F . 0.24 7.77 12.24
C1 10D F . 2.91 7.95 11.50
F2 10D F . 4.01 7.15 11.96
#